data_5UUO
#
_entry.id   5UUO
#
_cell.length_a   68.810
_cell.length_b   70.390
_cell.length_c   168.230
_cell.angle_alpha   90.00
_cell.angle_beta   90.00
_cell.angle_gamma   90.00
#
_symmetry.space_group_name_H-M   'P 21 21 21'
#
loop_
_entity.id
_entity.type
_entity.pdbx_description
1 polymer 'Glutathione S-transferase-like protein'
2 non-polymer GLUTATHIONE
3 non-polymer 'SULFATE ION'
4 non-polymer 1,2-ETHANEDIOL
5 water water
#
_entity_poly.entity_id   1
_entity_poly.type   'polypeptide(L)'
_entity_poly.pdbx_seq_one_letter_code
;SAIAGMSSEYVPPKVWKWDKANGGAFASVNRPVAGPTSERELPVGKHPFQVYSLGTPNGQKATIMLEELLQLGFSEAEYD
AWLIKIFEGDQFTSGFVDINPNSKIPAMVDRSGPEPFRVFESGAILMHLAEKFGVFLPTSGPARAECLSWLFWQVGSAPF
IGGGFGHFYNYAPIKIEYAIDRYAMETKRLFDVANRRLAESRYLAGDEYTIADLATYTWFGNIYRGEAYGEAATFLSMHE
YEHVGRWVGEIDARPGVLRGRLVNSSKGLAERHDASDFDALPPESLQAIVKGF
;
_entity_poly.pdbx_strand_id   B,A
#
# COMPACT_ATOMS: atom_id res chain seq x y z
N TYR A 10 13.50 27.58 10.81
CA TYR A 10 12.29 27.40 10.02
C TYR A 10 11.09 27.06 10.90
N VAL A 11 9.98 27.75 10.61
CA VAL A 11 8.71 27.51 11.29
C VAL A 11 7.66 27.34 10.18
N PRO A 12 6.90 26.24 10.13
CA PRO A 12 5.94 26.08 9.05
C PRO A 12 4.95 27.24 9.03
N PRO A 13 4.59 27.72 7.84
CA PRO A 13 3.58 28.78 7.73
C PRO A 13 2.20 28.26 8.11
N LYS A 14 1.27 29.19 8.31
CA LYS A 14 -0.11 28.81 8.56
C LYS A 14 -0.70 28.06 7.38
N VAL A 15 -0.39 28.49 6.16
CA VAL A 15 -0.92 27.88 4.94
C VAL A 15 0.26 27.53 4.03
N TRP A 16 0.36 26.25 3.66
CA TRP A 16 1.41 25.80 2.75
C TRP A 16 1.17 26.36 1.34
N LYS A 17 2.24 26.86 0.72
CA LYS A 17 2.19 27.36 -0.66
C LYS A 17 3.30 26.73 -1.48
N TRP A 18 3.00 26.46 -2.75
CA TRP A 18 3.97 25.89 -3.68
C TRP A 18 4.82 27.02 -4.23
N ASP A 19 5.97 27.26 -3.60
CA ASP A 19 6.86 28.32 -4.05
C ASP A 19 8.33 27.92 -4.16
N LYS A 20 8.71 26.75 -3.67
CA LYS A 20 10.09 26.29 -3.72
C LYS A 20 10.16 24.95 -4.42
N ALA A 21 11.34 24.64 -4.95
CA ALA A 21 11.57 23.34 -5.57
C ALA A 21 11.63 22.24 -4.51
N ASN A 22 11.16 21.06 -4.89
CA ASN A 22 11.20 19.92 -4.00
C ASN A 22 11.23 18.64 -4.84
N GLY A 23 12.06 17.69 -4.42
CA GLY A 23 12.10 16.38 -5.06
C GLY A 23 13.46 15.99 -5.62
N GLY A 24 14.45 16.86 -5.58
CA GLY A 24 15.77 16.49 -6.11
C GLY A 24 15.64 16.19 -7.58
N ALA A 25 16.08 14.99 -7.99
CA ALA A 25 15.95 14.59 -9.38
C ALA A 25 14.50 14.56 -9.85
N PHE A 26 13.52 14.51 -8.95
CA PHE A 26 12.12 14.51 -9.32
C PHE A 26 11.46 15.88 -9.20
N ALA A 27 12.27 16.92 -8.98
CA ALA A 27 11.71 18.26 -8.81
C ALA A 27 11.03 18.78 -10.07
N SER A 28 11.37 18.24 -11.24
CA SER A 28 10.72 18.71 -12.48
C SER A 28 9.36 18.06 -12.71
N VAL A 29 8.98 17.04 -11.93
CA VAL A 29 7.71 16.37 -12.14
C VAL A 29 6.79 16.43 -10.91
N ASN A 30 7.34 16.51 -9.70
CA ASN A 30 6.51 16.50 -8.50
C ASN A 30 5.73 17.82 -8.37
N ARG A 31 4.42 17.70 -8.14
CA ARG A 31 3.52 18.83 -7.99
C ARG A 31 2.53 18.58 -6.87
N PRO A 32 1.88 19.64 -6.35
CA PRO A 32 0.79 19.51 -5.38
C PRO A 32 -0.58 19.37 -6.02
N VAL A 33 -0.63 19.31 -7.35
CA VAL A 33 -1.87 19.16 -8.09
C VAL A 33 -1.73 17.98 -9.03
N ALA A 34 -2.87 17.38 -9.38
CA ALA A 34 -2.96 16.26 -10.30
C ALA A 34 -3.55 16.74 -11.62
N GLY A 35 -3.66 15.83 -12.57
CA GLY A 35 -4.27 16.13 -13.86
C GLY A 35 -3.26 16.26 -14.98
N PRO A 36 -3.75 16.26 -16.22
CA PRO A 36 -2.85 16.24 -17.36
C PRO A 36 -2.20 17.59 -17.63
N THR A 37 -0.99 17.53 -18.18
CA THR A 37 -0.26 18.73 -18.55
C THR A 37 -0.18 18.95 -20.05
N SER A 38 -0.57 17.96 -20.86
CA SER A 38 -0.64 18.14 -22.30
C SER A 38 -1.59 17.09 -22.86
N GLU A 39 -2.02 17.29 -24.10
CA GLU A 39 -2.93 16.38 -24.78
C GLU A 39 -2.13 15.44 -25.70
N ARG A 40 -2.27 14.14 -25.47
CA ARG A 40 -1.60 13.13 -26.27
C ARG A 40 -2.29 11.78 -26.04
N GLU A 41 -2.62 11.08 -27.11
CA GLU A 41 -3.22 9.75 -26.99
C GLU A 41 -2.14 8.69 -26.81
N LEU A 42 -2.52 7.59 -26.19
CA LEU A 42 -1.62 6.46 -26.02
C LEU A 42 -1.56 5.62 -27.29
N PRO A 43 -0.40 5.06 -27.61
CA PRO A 43 -0.34 4.06 -28.69
C PRO A 43 -1.04 2.77 -28.30
N VAL A 44 -1.59 2.07 -29.29
CA VAL A 44 -2.26 0.80 -29.09
C VAL A 44 -1.72 -0.22 -30.09
N GLY A 45 -1.33 -1.39 -29.60
CA GLY A 45 -0.84 -2.48 -30.45
C GLY A 45 -1.86 -3.58 -30.64
N LYS A 46 -1.39 -4.73 -31.12
CA LYS A 46 -2.27 -5.82 -31.53
C LYS A 46 -2.66 -6.76 -30.40
N HIS A 47 -1.94 -6.75 -29.28
CA HIS A 47 -2.11 -7.80 -28.28
C HIS A 47 -3.21 -7.47 -27.27
N PRO A 48 -3.73 -8.48 -26.58
CA PRO A 48 -4.87 -8.25 -25.70
C PRO A 48 -4.58 -7.36 -24.51
N PHE A 49 -3.36 -7.35 -23.98
CA PHE A 49 -3.01 -6.48 -22.86
C PHE A 49 -2.07 -5.37 -23.33
N GLN A 50 -2.43 -4.13 -23.01
CA GLN A 50 -1.65 -2.94 -23.34
C GLN A 50 -1.12 -2.38 -22.03
N VAL A 51 0.18 -2.39 -21.86
CA VAL A 51 0.86 -1.96 -20.64
C VAL A 51 1.63 -0.69 -20.95
N TYR A 52 1.59 0.27 -20.03
CA TYR A 52 2.23 1.57 -20.20
C TYR A 52 3.10 1.76 -18.97
N SER A 53 4.42 1.64 -19.11
CA SER A 53 5.23 1.37 -17.94
C SER A 53 6.70 1.68 -18.18
N LEU A 54 7.49 1.48 -17.13
CA LEU A 54 8.93 1.65 -17.10
C LEU A 54 9.48 0.57 -16.19
N GLY A 55 10.66 0.05 -16.50
CA GLY A 55 11.21 -1.10 -15.82
C GLY A 55 11.79 -0.88 -14.44
N THR A 56 11.09 -0.09 -13.64
CA THR A 56 11.35 0.08 -12.21
C THR A 56 10.84 -1.16 -11.49
N PRO A 57 11.01 -1.27 -10.16
CA PRO A 57 10.45 -2.45 -9.50
C PRO A 57 8.95 -2.59 -9.70
N ASN A 58 8.22 -1.47 -9.78
CA ASN A 58 6.79 -1.59 -9.95
C ASN A 58 6.41 -1.99 -11.37
N GLY A 59 7.07 -1.43 -12.39
CA GLY A 59 6.83 -1.90 -13.75
C GLY A 59 7.17 -3.36 -13.94
N GLN A 60 8.26 -3.79 -13.31
CA GLN A 60 8.68 -5.18 -13.42
C GLN A 60 7.65 -6.14 -12.87
N LYS A 61 6.88 -5.74 -11.86
CA LYS A 61 5.82 -6.62 -11.40
C LYS A 61 4.89 -6.99 -12.55
N ALA A 62 4.47 -5.99 -13.32
CA ALA A 62 3.51 -6.20 -14.40
C ALA A 62 4.10 -7.04 -15.52
N THR A 63 5.31 -6.70 -15.97
CA THR A 63 5.88 -7.40 -17.12
C THR A 63 6.33 -8.80 -16.74
N ILE A 64 6.85 -8.98 -15.52
CA ILE A 64 7.14 -10.33 -15.07
C ILE A 64 5.86 -11.16 -14.99
N MET A 65 4.78 -10.59 -14.42
CA MET A 65 3.54 -11.36 -14.32
C MET A 65 3.10 -11.85 -15.69
N LEU A 66 3.09 -10.96 -16.68
CA LEU A 66 2.68 -11.37 -18.02
C LEU A 66 3.62 -12.44 -18.60
N GLU A 67 4.94 -12.29 -18.40
CA GLU A 67 5.87 -13.31 -18.88
C GLU A 67 5.66 -14.64 -18.15
N GLU A 68 5.32 -14.60 -16.85
CA GLU A 68 4.99 -15.82 -16.12
C GLU A 68 3.79 -16.52 -16.74
N LEU A 69 2.78 -15.76 -17.12
CA LEU A 69 1.60 -16.36 -17.73
C LEU A 69 1.92 -16.94 -19.10
N LEU A 70 2.77 -16.25 -19.86
CA LEU A 70 3.17 -16.80 -21.16
C LEU A 70 3.98 -18.10 -20.99
N GLN A 71 4.80 -18.19 -19.93
CA GLN A 71 5.51 -19.44 -19.67
C GLN A 71 4.56 -20.60 -19.46
N LEU A 72 3.40 -20.33 -18.88
CA LEU A 72 2.37 -21.36 -18.66
C LEU A 72 1.55 -21.64 -19.90
N GLY A 73 1.79 -20.93 -21.01
CA GLY A 73 1.08 -21.20 -22.25
C GLY A 73 -0.19 -20.41 -22.45
N PHE A 74 -0.44 -19.36 -21.67
CA PHE A 74 -1.66 -18.57 -21.82
C PHE A 74 -1.46 -17.53 -22.90
N SER A 75 -1.90 -17.83 -24.13
CA SER A 75 -1.75 -16.87 -25.22
C SER A 75 -2.56 -15.60 -25.00
N GLU A 76 -3.60 -15.66 -24.14
CA GLU A 76 -4.37 -14.46 -23.82
C GLU A 76 -3.58 -13.45 -23.00
N ALA A 77 -2.38 -13.81 -22.54
CA ALA A 77 -1.51 -12.90 -21.83
C ALA A 77 -0.52 -12.17 -22.73
N GLU A 78 -0.56 -12.38 -24.05
CA GLU A 78 0.29 -11.60 -24.92
C GLU A 78 0.04 -10.12 -24.71
N TYR A 79 1.09 -9.31 -24.81
CA TYR A 79 1.00 -7.92 -24.39
C TYR A 79 1.93 -7.04 -25.21
N ASP A 80 1.55 -5.77 -25.31
CA ASP A 80 2.43 -4.70 -25.77
C ASP A 80 2.80 -3.89 -24.54
N ALA A 81 4.09 -3.66 -24.33
CA ALA A 81 4.59 -2.85 -23.22
C ALA A 81 5.23 -1.60 -23.78
N TRP A 82 4.51 -0.51 -23.71
CA TRP A 82 4.88 0.81 -24.22
C TRP A 82 5.62 1.58 -23.14
N LEU A 83 6.65 2.31 -23.55
CA LEU A 83 7.55 2.97 -22.63
C LEU A 83 6.97 4.32 -22.17
N ILE A 84 6.94 4.53 -20.86
CA ILE A 84 6.52 5.79 -20.24
C ILE A 84 7.74 6.33 -19.49
N LYS A 85 8.24 7.49 -19.93
CA LYS A 85 9.46 8.08 -19.36
C LYS A 85 9.08 9.04 -18.25
N ILE A 86 9.23 8.60 -17.00
CA ILE A 86 8.69 9.35 -15.88
C ILE A 86 9.49 10.61 -15.56
N PHE A 87 10.76 10.68 -15.95
CA PHE A 87 11.49 11.94 -15.79
C PHE A 87 11.10 12.96 -16.82
N GLU A 88 10.37 12.56 -17.86
CA GLU A 88 10.00 13.42 -18.97
C GLU A 88 8.54 13.84 -18.92
N GLY A 89 7.80 13.40 -17.91
CA GLY A 89 6.42 13.81 -17.76
C GLY A 89 5.43 13.06 -18.61
N ASP A 90 5.82 11.91 -19.17
CA ASP A 90 4.90 11.13 -19.99
C ASP A 90 3.69 10.66 -19.18
N GLN A 91 3.83 10.55 -17.86
CA GLN A 91 2.74 10.12 -16.99
C GLN A 91 1.68 11.20 -16.81
N PHE A 92 1.87 12.39 -17.38
CA PHE A 92 0.90 13.47 -17.25
C PHE A 92 0.21 13.81 -18.57
N THR A 93 0.37 12.99 -19.61
CA THR A 93 -0.39 13.22 -20.83
C THR A 93 -1.86 12.90 -20.59
N SER A 94 -2.73 13.53 -21.36
CA SER A 94 -4.15 13.23 -21.23
C SER A 94 -4.41 11.74 -21.38
N GLY A 95 -3.73 11.10 -22.33
CA GLY A 95 -3.97 9.69 -22.56
C GLY A 95 -3.55 8.81 -21.40
N PHE A 96 -2.43 9.15 -20.76
CA PHE A 96 -2.02 8.35 -19.60
C PHE A 96 -2.91 8.63 -18.38
N VAL A 97 -3.23 9.89 -18.11
CA VAL A 97 -4.10 10.20 -16.98
C VAL A 97 -5.44 9.48 -17.14
N ASP A 98 -5.91 9.30 -18.37
N ASP A 98 -5.90 9.31 -18.38
CA ASP A 98 -7.18 8.61 -18.61
CA ASP A 98 -7.14 8.61 -18.66
C ASP A 98 -7.14 7.15 -18.21
C ASP A 98 -7.13 7.18 -18.12
N ILE A 99 -5.97 6.51 -18.16
CA ILE A 99 -5.88 5.13 -17.68
C ILE A 99 -5.35 5.02 -16.26
N ASN A 100 -4.71 6.08 -15.72
CA ASN A 100 -4.34 6.11 -14.31
C ASN A 100 -4.47 7.54 -13.81
N PRO A 101 -5.56 7.88 -13.12
CA PRO A 101 -5.72 9.23 -12.58
C PRO A 101 -4.58 9.68 -11.69
N ASN A 102 -3.86 8.74 -11.10
CA ASN A 102 -2.75 9.01 -10.19
C ASN A 102 -1.44 9.29 -10.92
N SER A 103 -1.37 9.11 -12.25
CA SER A 103 -0.15 9.45 -13.01
C SER A 103 1.09 8.71 -12.53
N LYS A 104 0.96 7.40 -12.31
CA LYS A 104 2.11 6.55 -12.01
C LYS A 104 2.07 5.28 -12.83
N ILE A 105 3.25 4.75 -13.10
CA ILE A 105 3.37 3.45 -13.76
C ILE A 105 3.47 2.35 -12.71
N PRO A 106 3.06 1.11 -13.03
CA PRO A 106 2.43 0.71 -14.29
C PRO A 106 0.93 1.00 -14.33
N ALA A 107 0.42 1.11 -15.54
CA ALA A 107 -1.01 1.12 -15.79
C ALA A 107 -1.25 0.32 -17.05
N MET A 108 -2.46 -0.19 -17.20
CA MET A 108 -2.78 -1.16 -18.23
C MET A 108 -4.17 -0.92 -18.78
N VAL A 109 -4.38 -1.33 -20.03
CA VAL A 109 -5.72 -1.48 -20.59
C VAL A 109 -5.91 -2.94 -20.97
N ASP A 110 -6.97 -3.54 -20.45
CA ASP A 110 -7.36 -4.90 -20.80
C ASP A 110 -8.23 -4.80 -22.05
N ARG A 111 -7.67 -5.20 -23.20
CA ARG A 111 -8.37 -5.23 -24.48
C ARG A 111 -8.71 -6.66 -24.89
N SER A 112 -8.82 -7.57 -23.92
CA SER A 112 -9.11 -8.96 -24.27
C SER A 112 -10.59 -9.21 -24.57
N GLY A 113 -11.48 -8.32 -24.14
CA GLY A 113 -12.89 -8.45 -24.39
C GLY A 113 -13.40 -7.36 -25.30
N PRO A 114 -14.72 -7.32 -25.51
CA PRO A 114 -15.27 -6.38 -26.49
C PRO A 114 -15.25 -4.93 -26.03
N GLU A 115 -15.14 -4.68 -24.72
CA GLU A 115 -15.07 -3.33 -24.19
C GLU A 115 -13.76 -3.21 -23.44
N PRO A 116 -12.84 -2.33 -23.82
CA PRO A 116 -11.60 -2.19 -23.06
C PRO A 116 -11.84 -1.42 -21.78
N PHE A 117 -10.98 -1.70 -20.80
CA PHE A 117 -11.06 -1.00 -19.52
C PHE A 117 -9.68 -0.91 -18.88
N ARG A 118 -9.52 0.11 -18.04
CA ARG A 118 -8.25 0.37 -17.39
C ARG A 118 -8.07 -0.46 -16.12
N VAL A 119 -6.81 -0.73 -15.81
CA VAL A 119 -6.41 -1.27 -14.52
C VAL A 119 -5.15 -0.50 -14.14
N PHE A 120 -5.15 0.12 -12.96
CA PHE A 120 -4.00 0.90 -12.52
C PHE A 120 -3.64 0.46 -11.10
N GLU A 121 -2.39 0.71 -10.72
CA GLU A 121 -1.72 0.19 -9.54
C GLU A 121 -1.18 -1.22 -9.78
N SER A 122 0.09 -1.43 -9.45
CA SER A 122 0.70 -2.73 -9.69
C SER A 122 -0.03 -3.84 -8.95
N GLY A 123 -0.52 -3.59 -7.73
CA GLY A 123 -1.22 -4.64 -6.99
C GLY A 123 -2.52 -5.03 -7.64
N ALA A 124 -3.25 -4.05 -8.19
CA ALA A 124 -4.49 -4.34 -8.89
C ALA A 124 -4.21 -5.08 -10.19
N ILE A 125 -3.13 -4.72 -10.90
CA ILE A 125 -2.75 -5.45 -12.11
C ILE A 125 -2.43 -6.91 -11.78
N LEU A 126 -1.64 -7.13 -10.74
CA LEU A 126 -1.31 -8.50 -10.35
C LEU A 126 -2.56 -9.28 -9.99
N MET A 127 -3.45 -8.69 -9.19
N MET A 127 -3.45 -8.68 -9.21
CA MET A 127 -4.69 -9.36 -8.84
CA MET A 127 -4.68 -9.38 -8.83
C MET A 127 -5.53 -9.66 -10.06
C MET A 127 -5.56 -9.64 -10.04
N HIS A 128 -5.70 -8.65 -10.93
CA HIS A 128 -6.53 -8.82 -12.11
C HIS A 128 -6.05 -9.98 -12.95
N LEU A 129 -4.74 -10.04 -13.19
CA LEU A 129 -4.19 -11.11 -14.02
C LEU A 129 -4.26 -12.46 -13.32
N ALA A 130 -3.95 -12.51 -12.02
CA ALA A 130 -4.03 -13.76 -11.28
C ALA A 130 -5.46 -14.31 -11.26
N GLU A 131 -6.44 -13.42 -11.10
CA GLU A 131 -7.84 -13.86 -11.10
C GLU A 131 -8.29 -14.30 -12.48
N LYS A 132 -7.86 -13.59 -13.53
CA LYS A 132 -8.29 -13.95 -14.88
C LYS A 132 -7.82 -15.35 -15.23
N PHE A 133 -6.58 -15.69 -14.88
CA PHE A 133 -5.99 -16.94 -15.31
C PHE A 133 -5.99 -18.02 -14.24
N GLY A 134 -6.38 -17.68 -13.01
CA GLY A 134 -6.53 -18.66 -11.95
C GLY A 134 -5.24 -19.22 -11.40
N VAL A 135 -4.16 -18.43 -11.44
CA VAL A 135 -2.84 -18.89 -11.02
C VAL A 135 -2.20 -17.81 -10.16
N PHE A 136 -1.26 -18.23 -9.31
CA PHE A 136 -0.42 -17.37 -8.49
C PHE A 136 -1.22 -16.63 -7.40
N LEU A 137 -2.41 -17.11 -7.08
CA LEU A 137 -3.29 -16.52 -6.07
C LEU A 137 -4.33 -17.59 -5.78
N PRO A 138 -4.36 -18.16 -4.57
CA PRO A 138 -5.39 -19.17 -4.29
C PRO A 138 -6.78 -18.61 -4.53
N THR A 139 -7.63 -19.42 -5.17
CA THR A 139 -8.95 -18.94 -5.58
C THR A 139 -9.93 -18.91 -4.42
N SER A 140 -9.64 -19.61 -3.34
CA SER A 140 -10.51 -19.64 -2.16
C SER A 140 -9.72 -20.25 -1.01
N GLY A 141 -10.34 -20.25 0.17
CA GLY A 141 -9.77 -20.88 1.34
C GLY A 141 -8.84 -19.97 2.11
N PRO A 142 -8.42 -20.40 3.30
CA PRO A 142 -7.51 -19.59 4.12
C PRO A 142 -6.26 -19.12 3.39
N ALA A 143 -5.75 -19.94 2.47
CA ALA A 143 -4.53 -19.54 1.76
C ALA A 143 -4.74 -18.28 0.94
N ARG A 144 -5.96 -18.03 0.46
CA ARG A 144 -6.20 -16.78 -0.25
C ARG A 144 -5.99 -15.59 0.67
N ALA A 145 -6.52 -15.67 1.89
CA ALA A 145 -6.37 -14.55 2.83
C ALA A 145 -4.92 -14.30 3.18
N GLU A 146 -4.13 -15.37 3.31
CA GLU A 146 -2.71 -15.21 3.58
C GLU A 146 -2.01 -14.49 2.43
N CYS A 147 -2.33 -14.88 1.20
CA CYS A 147 -1.72 -14.26 0.03
C CYS A 147 -2.09 -12.78 -0.05
N LEU A 148 -3.37 -12.46 0.12
CA LEU A 148 -3.80 -11.06 0.06
C LEU A 148 -3.15 -10.23 1.15
N SER A 149 -3.01 -10.81 2.35
CA SER A 149 -2.39 -10.07 3.46
C SER A 149 -0.98 -9.65 3.07
N TRP A 150 -0.18 -10.58 2.53
CA TRP A 150 1.19 -10.23 2.14
C TRP A 150 1.23 -9.28 0.96
N LEU A 151 0.30 -9.42 0.00
CA LEU A 151 0.31 -8.52 -1.14
C LEU A 151 0.00 -7.09 -0.72
N PHE A 152 -1.04 -6.90 0.08
CA PHE A 152 -1.33 -5.56 0.59
C PHE A 152 -0.19 -5.06 1.48
N TRP A 153 0.44 -5.94 2.24
CA TRP A 153 1.60 -5.53 3.04
C TRP A 153 2.68 -4.91 2.16
N GLN A 154 2.98 -5.57 1.04
CA GLN A 154 3.99 -5.05 0.11
C GLN A 154 3.60 -3.67 -0.39
N VAL A 155 2.37 -3.54 -0.87
CA VAL A 155 1.94 -2.28 -1.46
C VAL A 155 1.97 -1.15 -0.44
N GLY A 156 1.59 -1.46 0.80
CA GLY A 156 1.54 -0.47 1.86
C GLY A 156 2.88 -0.11 2.44
N SER A 157 3.91 -0.92 2.18
CA SER A 157 5.20 -0.69 2.80
C SER A 157 6.27 -0.20 1.83
N ALA A 158 6.15 -0.48 0.54
CA ALA A 158 7.13 0.03 -0.40
C ALA A 158 7.30 1.54 -0.35
N PRO A 159 6.29 2.34 -0.03
CA PRO A 159 6.52 3.79 0.05
C PRO A 159 7.60 4.15 1.05
N PHE A 160 7.76 3.36 2.13
CA PHE A 160 8.79 3.66 3.11
C PHE A 160 10.17 3.36 2.56
N ILE A 161 10.25 2.36 1.68
CA ILE A 161 11.52 1.95 1.09
C ILE A 161 11.93 2.89 -0.02
N GLY A 162 11.03 3.21 -0.94
CA GLY A 162 11.35 4.03 -2.10
C GLY A 162 11.11 5.49 -1.88
N GLY A 163 9.91 5.84 -1.43
CA GLY A 163 9.56 7.24 -1.24
C GLY A 163 10.14 7.84 0.00
N GLY A 164 10.58 6.98 0.92
CA GLY A 164 11.22 7.36 2.14
C GLY A 164 12.71 7.14 2.00
N PHE A 165 13.16 5.90 2.17
CA PHE A 165 14.60 5.65 2.22
C PHE A 165 15.29 6.04 0.91
N GLY A 166 14.79 5.54 -0.23
CA GLY A 166 15.43 5.87 -1.49
C GLY A 166 15.49 7.35 -1.72
N HIS A 167 14.41 8.06 -1.42
CA HIS A 167 14.40 9.48 -1.65
C HIS A 167 15.46 10.17 -0.81
N PHE A 168 15.41 9.97 0.51
CA PHE A 168 16.31 10.74 1.37
C PHE A 168 17.76 10.28 1.26
N TYR A 169 17.99 9.00 1.03
CA TYR A 169 19.36 8.49 0.91
C TYR A 169 19.99 8.80 -0.44
N ASN A 170 19.21 8.85 -1.51
CA ASN A 170 19.76 8.85 -2.87
C ASN A 170 19.40 10.07 -3.69
N TYR A 171 18.22 10.68 -3.48
CA TYR A 171 17.74 11.74 -4.36
C TYR A 171 17.63 13.12 -3.72
N ALA A 172 17.35 13.23 -2.44
CA ALA A 172 17.18 14.55 -1.86
C ALA A 172 18.48 15.33 -1.95
N PRO A 173 18.43 16.64 -2.23
CA PRO A 173 19.67 17.39 -2.42
C PRO A 173 20.50 17.57 -1.17
N ILE A 174 19.90 17.49 0.02
CA ILE A 174 20.59 17.59 1.30
C ILE A 174 20.42 16.25 2.01
N LYS A 175 21.48 15.80 2.68
CA LYS A 175 21.41 14.62 3.53
C LYS A 175 20.85 15.04 4.88
N ILE A 176 19.72 14.46 5.25
CA ILE A 176 18.96 14.85 6.43
C ILE A 176 18.97 13.65 7.38
N GLU A 177 19.74 13.76 8.46
CA GLU A 177 19.96 12.63 9.35
C GLU A 177 18.66 12.03 9.87
N TYR A 178 17.75 12.87 10.37
CA TYR A 178 16.54 12.31 10.97
C TYR A 178 15.73 11.52 9.96
N ALA A 179 15.63 12.02 8.72
CA ALA A 179 14.84 11.34 7.70
C ALA A 179 15.53 10.08 7.20
N ILE A 180 16.85 10.15 6.96
CA ILE A 180 17.57 8.95 6.56
C ILE A 180 17.44 7.88 7.64
N ASP A 181 17.62 8.26 8.92
CA ASP A 181 17.48 7.29 10.00
C ASP A 181 16.09 6.70 10.05
N ARG A 182 15.06 7.54 9.95
CA ARG A 182 13.69 7.05 10.03
C ARG A 182 13.45 5.95 9.01
N TYR A 183 13.84 6.20 7.75
CA TYR A 183 13.49 5.26 6.70
C TYR A 183 14.50 4.15 6.52
N ALA A 184 15.75 4.35 6.94
CA ALA A 184 16.68 3.22 6.99
C ALA A 184 16.23 2.22 8.04
N MET A 185 15.80 2.73 9.19
CA MET A 185 15.28 1.86 10.24
C MET A 185 14.06 1.09 9.77
N GLU A 186 13.13 1.77 9.11
CA GLU A 186 11.90 1.10 8.66
C GLU A 186 12.18 0.10 7.55
N THR A 187 13.08 0.44 6.62
CA THR A 187 13.43 -0.51 5.56
C THR A 187 14.04 -1.77 6.16
N LYS A 188 14.95 -1.63 7.13
CA LYS A 188 15.52 -2.80 7.80
C LYS A 188 14.44 -3.59 8.52
N ARG A 189 13.49 -2.90 9.18
CA ARG A 189 12.41 -3.63 9.87
C ARG A 189 11.61 -4.46 8.88
N LEU A 190 11.29 -3.89 7.72
CA LEU A 190 10.53 -4.61 6.69
C LEU A 190 11.31 -5.80 6.14
N PHE A 191 12.61 -5.62 5.90
CA PHE A 191 13.43 -6.76 5.50
C PHE A 191 13.43 -7.83 6.59
N ASP A 192 13.41 -7.41 7.86
CA ASP A 192 13.41 -8.38 8.95
C ASP A 192 12.07 -9.12 9.04
N VAL A 193 10.96 -8.43 8.76
CA VAL A 193 9.66 -9.13 8.68
C VAL A 193 9.73 -10.24 7.64
N ALA A 194 10.20 -9.90 6.44
CA ALA A 194 10.31 -10.92 5.40
C ALA A 194 11.29 -12.01 5.79
N ASN A 195 12.44 -11.64 6.36
CA ASN A 195 13.46 -12.63 6.70
C ASN A 195 12.94 -13.62 7.72
N ARG A 196 12.22 -13.13 8.73
CA ARG A 196 11.66 -14.00 9.77
C ARG A 196 10.58 -14.91 9.21
N ARG A 197 9.78 -14.44 8.25
CA ARG A 197 8.80 -15.30 7.60
C ARG A 197 9.48 -16.36 6.75
N LEU A 198 10.48 -15.95 5.97
CA LEU A 198 11.17 -16.86 5.05
C LEU A 198 12.09 -17.83 5.79
N ALA A 199 12.34 -17.62 7.09
CA ALA A 199 13.01 -18.62 7.90
C ALA A 199 12.10 -19.84 8.13
N GLU A 200 10.78 -19.64 8.08
CA GLU A 200 9.84 -20.70 8.40
C GLU A 200 8.97 -21.13 7.23
N SER A 201 9.05 -20.45 6.10
CA SER A 201 8.22 -20.74 4.93
C SER A 201 9.04 -20.50 3.68
N ARG A 202 8.87 -21.36 2.68
CA ARG A 202 9.64 -21.21 1.44
C ARG A 202 9.32 -19.90 0.74
N TYR A 203 8.04 -19.53 0.70
CA TYR A 203 7.57 -18.29 0.10
C TYR A 203 6.75 -17.52 1.14
N LEU A 204 6.37 -16.28 0.82
CA LEU A 204 5.77 -15.44 1.85
C LEU A 204 4.41 -15.96 2.29
N ALA A 205 3.59 -16.44 1.38
CA ALA A 205 2.22 -16.77 1.71
C ALA A 205 1.97 -18.27 1.78
N GLY A 206 3.03 -19.06 1.83
CA GLY A 206 2.91 -20.50 1.86
C GLY A 206 4.11 -21.14 1.21
N ASP A 207 3.92 -22.39 0.79
N ASP A 207 3.94 -22.39 0.79
CA ASP A 207 4.99 -23.20 0.22
CA ASP A 207 5.04 -23.17 0.22
C ASP A 207 5.25 -22.89 -1.25
C ASP A 207 5.16 -23.02 -1.29
N GLU A 208 4.36 -22.15 -1.90
CA GLU A 208 4.43 -21.90 -3.34
C GLU A 208 4.50 -20.42 -3.65
N TYR A 209 5.13 -20.11 -4.78
CA TYR A 209 5.27 -18.74 -5.27
C TYR A 209 3.92 -18.20 -5.69
N THR A 210 3.62 -16.98 -5.24
CA THR A 210 2.38 -16.29 -5.56
C THR A 210 2.69 -14.84 -5.92
N ILE A 211 1.64 -14.10 -6.30
CA ILE A 211 1.81 -12.68 -6.62
C ILE A 211 2.36 -11.89 -5.44
N ALA A 212 2.15 -12.35 -4.19
CA ALA A 212 2.74 -11.64 -3.05
C ALA A 212 4.26 -11.71 -3.10
N ASP A 213 4.82 -12.86 -3.50
CA ASP A 213 6.27 -12.96 -3.66
C ASP A 213 6.75 -12.07 -4.78
N LEU A 214 6.09 -12.12 -5.93
CA LEU A 214 6.53 -11.33 -7.07
C LEU A 214 6.57 -9.85 -6.71
N ALA A 215 5.51 -9.37 -6.07
CA ALA A 215 5.41 -7.96 -5.71
C ALA A 215 6.56 -7.54 -4.79
N THR A 216 6.87 -8.38 -3.81
CA THR A 216 7.92 -8.02 -2.85
C THR A 216 9.30 -8.17 -3.46
N TYR A 217 9.46 -9.20 -4.30
CA TYR A 217 10.75 -9.55 -4.89
C TYR A 217 11.30 -8.42 -5.74
N THR A 218 10.47 -7.76 -6.53
CA THR A 218 11.04 -6.76 -7.44
C THR A 218 11.76 -5.69 -6.65
N TRP A 219 11.17 -5.26 -5.53
CA TRP A 219 11.81 -4.29 -4.64
C TRP A 219 12.98 -4.91 -3.89
N PHE A 220 12.74 -6.03 -3.21
CA PHE A 220 13.74 -6.55 -2.28
C PHE A 220 14.96 -7.08 -3.02
N GLY A 221 14.77 -7.76 -4.15
CA GLY A 221 15.91 -8.30 -4.87
C GLY A 221 16.80 -7.22 -5.41
N ASN A 222 16.20 -6.16 -5.96
CA ASN A 222 16.98 -5.05 -6.50
C ASN A 222 17.85 -4.42 -5.42
N ILE A 223 17.31 -4.25 -4.22
CA ILE A 223 18.08 -3.67 -3.13
C ILE A 223 19.11 -4.65 -2.62
N TYR A 224 18.71 -5.89 -2.40
CA TYR A 224 19.58 -6.90 -1.80
C TYR A 224 20.81 -7.14 -2.64
N ARG A 225 20.66 -7.20 -3.97
N ARG A 225 20.67 -7.19 -3.95
CA ARG A 225 21.76 -7.51 -4.86
CA ARG A 225 21.80 -7.53 -4.81
C ARG A 225 22.55 -6.29 -5.30
C ARG A 225 22.70 -6.33 -5.11
N GLY A 226 22.33 -5.14 -4.66
CA GLY A 226 23.19 -3.98 -4.85
C GLY A 226 22.89 -3.13 -6.06
N GLU A 227 21.70 -3.26 -6.66
CA GLU A 227 21.39 -2.52 -7.87
C GLU A 227 20.63 -1.23 -7.64
N ALA A 228 20.15 -0.99 -6.42
CA ALA A 228 19.30 0.15 -6.15
C ALA A 228 19.93 1.06 -5.10
N TYR A 229 19.85 2.37 -5.36
CA TYR A 229 20.14 3.39 -4.34
C TYR A 229 21.61 3.41 -3.93
N GLY A 230 22.49 3.43 -4.92
CA GLY A 230 23.91 3.60 -4.65
C GLY A 230 24.45 2.49 -3.75
N GLU A 231 25.01 2.88 -2.59
CA GLU A 231 25.63 1.94 -1.67
C GLU A 231 24.66 1.43 -0.62
N ALA A 232 23.37 1.44 -0.92
CA ALA A 232 22.36 1.09 0.06
C ALA A 232 22.53 -0.33 0.62
N ALA A 233 22.99 -1.29 -0.19
CA ALA A 233 23.08 -2.65 0.33
C ALA A 233 24.09 -2.75 1.46
N THR A 234 25.19 -2.02 1.37
CA THR A 234 26.14 -1.93 2.46
C THR A 234 25.55 -1.11 3.60
N PHE A 235 24.95 0.04 3.27
CA PHE A 235 24.40 0.92 4.29
C PHE A 235 23.42 0.19 5.18
N LEU A 236 22.55 -0.62 4.59
CA LEU A 236 21.48 -1.32 5.28
C LEU A 236 21.87 -2.72 5.75
N SER A 237 23.13 -3.10 5.62
CA SER A 237 23.62 -4.39 6.09
C SER A 237 22.79 -5.55 5.52
N MET A 238 22.64 -5.57 4.19
CA MET A 238 21.80 -6.57 3.55
C MET A 238 22.26 -7.99 3.83
N HIS A 239 23.54 -8.21 4.14
CA HIS A 239 24.02 -9.55 4.45
C HIS A 239 23.29 -10.16 5.64
N GLU A 240 22.62 -9.35 6.46
CA GLU A 240 21.93 -9.86 7.64
C GLU A 240 20.73 -10.73 7.26
N TYR A 241 20.20 -10.61 6.06
CA TYR A 241 18.90 -11.20 5.71
C TYR A 241 19.12 -12.42 4.81
N GLU A 242 19.60 -13.49 5.42
CA GLU A 242 20.00 -14.69 4.65
C GLU A 242 18.79 -15.41 4.06
N HIS A 243 17.63 -15.37 4.71
CA HIS A 243 16.46 -16.05 4.16
C HIS A 243 15.86 -15.25 3.02
N VAL A 244 15.85 -13.92 3.13
CA VAL A 244 15.55 -13.09 1.98
C VAL A 244 16.47 -13.45 0.83
N GLY A 245 17.77 -13.62 1.10
CA GLY A 245 18.71 -13.96 0.03
C GLY A 245 18.37 -15.27 -0.65
N ARG A 246 18.04 -16.30 0.13
N ARG A 246 18.01 -16.28 0.13
CA ARG A 246 17.63 -17.58 -0.46
CA ARG A 246 17.64 -17.58 -0.42
C ARG A 246 16.45 -17.37 -1.41
C ARG A 246 16.44 -17.44 -1.37
N TRP A 247 15.43 -16.70 -0.94
CA TRP A 247 14.20 -16.51 -1.70
C TRP A 247 14.45 -15.65 -2.95
N VAL A 248 15.28 -14.61 -2.84
CA VAL A 248 15.65 -13.83 -4.01
C VAL A 248 16.32 -14.73 -5.05
N GLY A 249 17.23 -15.59 -4.60
CA GLY A 249 17.92 -16.49 -5.53
C GLY A 249 16.99 -17.43 -6.27
N GLU A 250 16.00 -17.99 -5.55
CA GLU A 250 15.03 -18.88 -6.18
C GLU A 250 14.22 -18.13 -7.24
N ILE A 251 13.74 -16.94 -6.89
CA ILE A 251 12.87 -16.21 -7.81
C ILE A 251 13.68 -15.67 -9.00
N ASP A 252 14.92 -15.26 -8.75
CA ASP A 252 15.85 -14.83 -9.79
C ASP A 252 15.96 -15.87 -10.91
N ALA A 253 15.79 -17.14 -10.59
CA ALA A 253 16.01 -18.21 -11.56
C ALA A 253 14.80 -18.51 -12.42
N ARG A 254 13.66 -17.90 -12.15
CA ARG A 254 12.46 -18.22 -12.90
C ARG A 254 12.55 -17.65 -14.32
N PRO A 255 12.24 -18.45 -15.35
CA PRO A 255 12.35 -17.93 -16.72
C PRO A 255 11.51 -16.69 -16.96
N GLY A 256 10.32 -16.61 -16.37
CA GLY A 256 9.48 -15.42 -16.57
C GLY A 256 10.05 -14.19 -15.91
N VAL A 257 10.75 -14.35 -14.79
CA VAL A 257 11.45 -13.26 -14.15
C VAL A 257 12.60 -12.77 -15.02
N LEU A 258 13.42 -13.70 -15.51
CA LEU A 258 14.57 -13.33 -16.34
C LEU A 258 14.14 -12.51 -17.56
N ARG A 259 13.01 -12.87 -18.18
CA ARG A 259 12.51 -12.10 -19.32
C ARG A 259 11.83 -10.82 -18.89
N GLY A 260 10.90 -10.92 -17.94
CA GLY A 260 10.09 -9.76 -17.58
C GLY A 260 10.89 -8.62 -16.98
N ARG A 261 11.97 -8.91 -16.29
CA ARG A 261 12.77 -7.86 -15.67
C ARG A 261 13.43 -6.94 -16.70
N LEU A 262 13.55 -7.39 -17.94
CA LEU A 262 14.25 -6.65 -18.99
C LEU A 262 13.32 -5.75 -19.79
N VAL A 263 12.02 -5.77 -19.55
CA VAL A 263 11.08 -5.03 -20.38
C VAL A 263 11.03 -3.58 -19.93
N ASN A 264 11.06 -2.66 -20.89
CA ASN A 264 11.09 -1.23 -20.61
C ASN A 264 12.30 -0.85 -19.77
N SER A 265 13.44 -1.48 -20.04
CA SER A 265 14.64 -1.33 -19.24
C SER A 265 15.79 -0.83 -20.09
N SER A 266 16.58 0.08 -19.54
CA SER A 266 17.73 0.59 -20.26
C SER A 266 18.78 -0.50 -20.48
N LYS A 267 18.73 -1.58 -19.71
CA LYS A 267 19.65 -2.69 -19.87
C LYS A 267 19.00 -3.86 -20.60
N GLY A 268 17.85 -3.64 -21.23
CA GLY A 268 17.11 -4.69 -21.88
C GLY A 268 16.38 -4.18 -23.12
N LEU A 269 15.08 -4.39 -23.18
CA LEU A 269 14.23 -3.94 -24.29
C LEU A 269 13.58 -2.62 -23.94
N ALA A 270 13.63 -1.65 -24.86
CA ALA A 270 12.91 -0.40 -24.64
C ALA A 270 11.41 -0.65 -24.54
N GLU A 271 10.88 -1.53 -25.40
CA GLU A 271 9.49 -1.92 -25.43
C GLU A 271 9.41 -3.39 -25.77
N ARG A 272 8.25 -3.99 -25.52
CA ARG A 272 7.98 -5.37 -25.93
C ARG A 272 6.72 -5.41 -26.77
N HIS A 273 6.83 -5.94 -27.99
CA HIS A 273 5.69 -6.06 -28.88
C HIS A 273 5.51 -7.47 -29.43
N ASP A 274 6.42 -8.38 -29.14
CA ASP A 274 6.33 -9.77 -29.56
C ASP A 274 7.40 -10.54 -28.81
N ALA A 275 7.16 -11.83 -28.60
CA ALA A 275 8.13 -12.63 -27.87
C ALA A 275 9.49 -12.65 -28.57
N SER A 276 9.51 -12.55 -29.90
CA SER A 276 10.77 -12.56 -30.65
C SER A 276 11.62 -11.32 -30.37
N ASP A 277 11.08 -10.29 -29.71
CA ASP A 277 11.90 -9.11 -29.42
C ASP A 277 13.11 -9.49 -28.59
N PHE A 278 12.98 -10.51 -27.73
CA PHE A 278 14.08 -10.92 -26.88
C PHE A 278 15.24 -11.50 -27.67
N ASP A 279 15.00 -11.96 -28.91
CA ASP A 279 16.06 -12.54 -29.71
C ASP A 279 17.12 -11.51 -30.06
N ALA A 280 16.81 -10.23 -29.96
CA ALA A 280 17.76 -9.18 -30.27
C ALA A 280 18.81 -9.01 -29.17
N LEU A 281 18.55 -9.51 -27.96
CA LEU A 281 19.49 -9.32 -26.87
C LEU A 281 20.58 -10.39 -26.94
N PRO A 282 21.76 -10.09 -26.42
CA PRO A 282 22.78 -11.12 -26.31
C PRO A 282 22.32 -12.21 -25.33
N PRO A 283 22.73 -13.46 -25.55
CA PRO A 283 22.26 -14.53 -24.64
C PRO A 283 22.60 -14.28 -23.19
N GLU A 284 23.70 -13.60 -22.91
CA GLU A 284 24.08 -13.34 -21.53
C GLU A 284 23.01 -12.57 -20.78
N SER A 285 22.22 -11.74 -21.48
CA SER A 285 21.22 -10.93 -20.81
C SER A 285 20.12 -11.75 -20.14
N LEU A 286 19.92 -13.00 -20.58
CA LEU A 286 18.88 -13.86 -20.04
C LEU A 286 19.44 -14.93 -19.13
N GLN A 287 20.69 -14.80 -18.72
CA GLN A 287 21.32 -15.83 -17.92
C GLN A 287 21.29 -15.48 -16.44
N ALA A 288 21.74 -16.44 -15.64
CA ALA A 288 21.51 -16.40 -14.21
C ALA A 288 22.06 -15.11 -13.61
N ILE A 289 21.30 -14.56 -12.69
CA ILE A 289 21.68 -13.34 -11.99
C ILE A 289 22.73 -13.72 -10.95
N VAL A 290 23.94 -13.12 -11.03
CA VAL A 290 25.03 -13.57 -10.16
C VAL A 290 24.79 -13.13 -8.72
N LYS A 291 25.37 -13.90 -7.79
CA LYS A 291 25.18 -13.64 -6.36
C LYS A 291 26.43 -13.12 -5.67
N GLY A 292 27.61 -13.52 -6.11
CA GLY A 292 28.86 -13.05 -5.53
C GLY A 292 29.27 -11.71 -6.12
N PHE A 293 30.50 -11.32 -5.78
CA PHE A 293 31.03 -10.02 -6.23
C PHE A 293 32.01 -10.20 -7.39
N GLU B 9 27.27 20.08 6.82
CA GLU B 9 26.18 19.17 6.48
C GLU B 9 26.49 17.77 7.03
N TYR B 10 25.41 17.04 7.31
N TYR B 10 25.45 17.02 7.37
CA TYR B 10 25.50 15.66 7.80
CA TYR B 10 25.64 15.69 7.94
C TYR B 10 26.13 14.76 6.74
C TYR B 10 26.02 14.70 6.84
N VAL B 11 26.96 13.82 7.16
CA VAL B 11 27.50 12.83 6.23
C VAL B 11 27.08 11.43 6.69
N PRO B 12 26.24 10.71 5.95
CA PRO B 12 25.84 9.38 6.38
C PRO B 12 27.04 8.45 6.48
N PRO B 13 27.05 7.55 7.46
CA PRO B 13 28.16 6.58 7.59
C PRO B 13 28.08 5.54 6.49
N LYS B 14 29.15 4.74 6.38
CA LYS B 14 29.16 3.64 5.42
C LYS B 14 28.13 2.59 5.78
N VAL B 15 27.96 2.31 7.06
CA VAL B 15 27.03 1.31 7.55
C VAL B 15 26.10 1.98 8.58
N TRP B 16 24.79 1.92 8.33
CA TRP B 16 23.84 2.51 9.26
C TRP B 16 23.84 1.76 10.58
N LYS B 17 23.78 2.51 11.67
CA LYS B 17 23.67 1.96 13.02
C LYS B 17 22.49 2.59 13.75
N TRP B 18 21.83 1.79 14.57
CA TRP B 18 20.73 2.27 15.40
C TRP B 18 21.31 2.88 16.68
N ASP B 19 21.75 4.13 16.55
N ASP B 19 21.77 4.13 16.57
CA ASP B 19 22.44 4.82 17.64
CA ASP B 19 22.43 4.79 17.68
C ASP B 19 21.66 5.99 18.20
C ASP B 19 21.66 5.98 18.23
N LYS B 20 20.51 6.32 17.63
CA LYS B 20 19.69 7.43 18.08
C LYS B 20 18.22 7.06 17.98
N ALA B 21 17.42 7.50 18.95
CA ALA B 21 15.98 7.35 18.87
C ALA B 21 15.44 8.06 17.64
N ASN B 22 14.36 7.52 17.08
CA ASN B 22 13.67 8.15 15.97
C ASN B 22 12.19 7.84 16.11
N GLY B 23 11.34 8.81 15.80
CA GLY B 23 9.91 8.61 15.81
C GLY B 23 9.11 9.56 16.68
N GLY B 24 9.75 10.42 17.47
CA GLY B 24 8.99 11.30 18.33
C GLY B 24 8.22 10.49 19.36
N ALA B 25 6.93 10.74 19.49
N ALA B 25 6.91 10.72 19.44
CA ALA B 25 6.11 9.92 20.37
CA ALA B 25 6.05 9.97 20.34
C ALA B 25 6.33 8.43 20.12
C ALA B 25 6.03 8.48 20.03
N PHE B 26 6.52 8.06 18.85
CA PHE B 26 6.68 6.65 18.49
C PHE B 26 8.10 6.12 18.68
N ALA B 27 9.02 6.94 19.21
CA ALA B 27 10.35 6.43 19.49
C ALA B 27 10.34 5.35 20.54
N SER B 28 9.29 5.20 21.33
N SER B 28 9.24 5.22 21.28
CA SER B 28 9.32 4.12 22.30
CA SER B 28 9.08 4.17 22.28
C SER B 28 8.92 2.77 21.68
C SER B 28 9.01 2.80 21.65
N VAL B 29 8.56 2.72 20.39
CA VAL B 29 8.26 1.46 19.72
C VAL B 29 9.01 1.24 18.41
N ASN B 30 9.44 2.30 17.72
CA ASN B 30 10.04 2.12 16.39
C ASN B 30 11.43 1.51 16.52
N ARG B 31 11.66 0.45 15.74
CA ARG B 31 12.91 -0.31 15.78
C ARG B 31 13.30 -0.70 14.34
N PRO B 32 14.58 -1.03 14.13
CA PRO B 32 15.05 -1.57 12.83
C PRO B 32 14.91 -3.08 12.73
N VAL B 33 14.34 -3.75 13.73
CA VAL B 33 14.15 -5.19 13.75
C VAL B 33 12.68 -5.45 14.03
N ALA B 34 12.22 -6.61 13.60
CA ALA B 34 10.86 -7.09 13.80
C ALA B 34 10.84 -8.22 14.82
N GLY B 35 9.64 -8.70 15.12
CA GLY B 35 9.47 -9.86 15.98
C GLY B 35 8.92 -9.52 17.35
N PRO B 36 8.57 -10.54 18.11
CA PRO B 36 7.91 -10.32 19.40
C PRO B 36 8.89 -9.91 20.47
N THR B 37 8.42 -9.10 21.41
CA THR B 37 9.22 -8.66 22.55
C THR B 37 8.70 -9.15 23.90
N SER B 38 7.58 -9.86 23.91
CA SER B 38 7.09 -10.48 25.15
C SER B 38 6.15 -11.61 24.75
N GLU B 39 5.90 -12.50 25.69
CA GLU B 39 4.99 -13.62 25.48
C GLU B 39 3.64 -13.28 26.10
N ARG B 40 2.61 -13.19 25.26
N ARG B 40 2.61 -13.21 25.27
CA ARG B 40 1.26 -12.92 25.75
CA ARG B 40 1.26 -12.96 25.77
C ARG B 40 0.29 -13.41 24.68
C ARG B 40 0.28 -13.38 24.70
N GLU B 41 -0.71 -14.19 25.10
CA GLU B 41 -1.73 -14.64 24.18
C GLU B 41 -2.79 -13.56 23.98
N LEU B 42 -3.43 -13.58 22.83
CA LEU B 42 -4.54 -12.68 22.56
C LEU B 42 -5.80 -13.15 23.25
N PRO B 43 -6.63 -12.22 23.73
CA PRO B 43 -7.97 -12.60 24.22
C PRO B 43 -8.85 -13.01 23.06
N VAL B 44 -9.79 -13.91 23.33
CA VAL B 44 -10.72 -14.42 22.32
C VAL B 44 -12.13 -14.38 22.90
N GLY B 45 -13.06 -13.78 22.15
CA GLY B 45 -14.45 -13.71 22.54
C GLY B 45 -15.31 -14.72 21.82
N LYS B 46 -16.63 -14.48 21.85
CA LYS B 46 -17.59 -15.47 21.36
C LYS B 46 -17.92 -15.31 19.88
N HIS B 47 -17.59 -14.18 19.28
CA HIS B 47 -18.09 -13.85 17.95
C HIS B 47 -17.21 -14.41 16.84
N PRO B 48 -17.75 -14.54 15.62
CA PRO B 48 -16.99 -15.20 14.55
C PRO B 48 -15.76 -14.44 14.11
N PHE B 49 -15.75 -13.11 14.17
CA PHE B 49 -14.58 -12.32 13.81
C PHE B 49 -13.95 -11.72 15.05
N GLN B 50 -12.64 -11.92 15.19
CA GLN B 50 -11.86 -11.36 16.29
C GLN B 50 -10.92 -10.32 15.70
N VAL B 51 -11.10 -9.07 16.09
CA VAL B 51 -10.34 -7.94 15.56
C VAL B 51 -9.48 -7.38 16.69
N TYR B 52 -8.24 -7.03 16.35
CA TYR B 52 -7.26 -6.53 17.31
C TYR B 52 -6.78 -5.22 16.73
N SER B 53 -7.18 -4.09 17.32
CA SER B 53 -7.12 -2.83 16.60
C SER B 53 -7.16 -1.63 17.54
N LEU B 54 -7.06 -0.46 16.92
CA LEU B 54 -7.16 0.85 17.55
C LEU B 54 -7.86 1.75 16.54
N GLY B 55 -8.70 2.66 17.01
CA GLY B 55 -9.53 3.48 16.17
C GLY B 55 -8.88 4.62 15.42
N THR B 56 -7.72 4.35 14.86
CA THR B 56 -7.06 5.21 13.88
C THR B 56 -7.81 5.10 12.56
N PRO B 57 -7.44 5.85 11.52
CA PRO B 57 -8.12 5.63 10.24
C PRO B 57 -8.03 4.19 9.75
N ASN B 58 -6.91 3.51 10.00
CA ASN B 58 -6.81 2.14 9.53
C ASN B 58 -7.68 1.17 10.34
N GLY B 59 -7.73 1.34 11.66
CA GLY B 59 -8.64 0.51 12.46
C GLY B 59 -10.08 0.76 12.10
N GLN B 60 -10.43 2.02 11.82
CA GLN B 60 -11.80 2.37 11.45
C GLN B 60 -12.22 1.67 10.18
N LYS B 61 -11.31 1.44 9.23
CA LYS B 61 -11.70 0.69 8.04
C LYS B 61 -12.30 -0.66 8.42
N ALA B 62 -11.66 -1.37 9.34
CA ALA B 62 -12.13 -2.70 9.74
C ALA B 62 -13.44 -2.65 10.49
N THR B 63 -13.53 -1.78 11.50
CA THR B 63 -14.74 -1.75 12.32
C THR B 63 -15.92 -1.16 11.56
N ILE B 64 -15.70 -0.15 10.73
CA ILE B 64 -16.77 0.31 9.85
C ILE B 64 -17.23 -0.81 8.93
N MET B 65 -16.30 -1.53 8.30
CA MET B 65 -16.73 -2.59 7.40
C MET B 65 -17.61 -3.60 8.11
N LEU B 66 -17.20 -4.03 9.30
CA LEU B 66 -18.03 -4.99 10.03
C LEU B 66 -19.38 -4.40 10.41
N GLU B 67 -19.43 -3.14 10.85
CA GLU B 67 -20.70 -2.51 11.17
C GLU B 67 -21.56 -2.33 9.92
N GLU B 68 -20.96 -2.09 8.75
CA GLU B 68 -21.73 -2.03 7.49
C GLU B 68 -22.37 -3.37 7.19
N LEU B 69 -21.65 -4.46 7.43
CA LEU B 69 -22.19 -5.78 7.19
C LEU B 69 -23.31 -6.10 8.19
N LEU B 70 -23.14 -5.71 9.45
CA LEU B 70 -24.22 -5.89 10.42
C LEU B 70 -25.43 -5.05 10.05
N GLN B 71 -25.21 -3.85 9.50
CA GLN B 71 -26.31 -3.01 9.03
C GLN B 71 -27.16 -3.72 7.99
N LEU B 72 -26.55 -4.55 7.15
CA LEU B 72 -27.25 -5.33 6.13
C LEU B 72 -27.86 -6.62 6.67
N GLY B 73 -27.68 -6.93 7.95
CA GLY B 73 -28.29 -8.10 8.53
C GLY B 73 -27.45 -9.35 8.53
N PHE B 74 -26.15 -9.24 8.25
CA PHE B 74 -25.27 -10.42 8.20
C PHE B 74 -24.79 -10.73 9.61
N SER B 75 -25.48 -11.63 10.30
CA SER B 75 -25.08 -11.97 11.66
C SER B 75 -23.74 -12.67 11.71
N GLU B 76 -23.28 -13.23 10.59
CA GLU B 76 -21.95 -13.83 10.55
C GLU B 76 -20.85 -12.81 10.63
N ALA B 77 -21.16 -11.51 10.55
CA ALA B 77 -20.19 -10.45 10.72
C ALA B 77 -20.07 -9.95 12.15
N GLU B 78 -20.76 -10.56 13.11
N GLU B 78 -20.75 -10.57 13.11
CA GLU B 78 -20.57 -10.18 14.49
CA GLU B 78 -20.58 -10.19 14.50
C GLU B 78 -19.10 -10.32 14.87
C GLU B 78 -19.13 -10.37 14.93
N TYR B 79 -18.63 -9.44 15.74
CA TYR B 79 -17.21 -9.36 16.01
C TYR B 79 -16.92 -8.87 17.43
N ASP B 80 -15.77 -9.30 17.93
CA ASP B 80 -15.13 -8.71 19.10
C ASP B 80 -14.00 -7.85 18.60
N ALA B 81 -13.94 -6.59 19.04
CA ALA B 81 -12.84 -5.68 18.73
C ALA B 81 -12.09 -5.37 20.00
N TRP B 82 -10.92 -6.00 20.14
CA TRP B 82 -10.04 -5.89 21.29
C TRP B 82 -9.03 -4.77 21.07
N LEU B 83 -8.75 -4.01 22.11
CA LEU B 83 -7.90 -2.84 22.01
C LEU B 83 -6.42 -3.22 21.98
N ILE B 84 -5.69 -2.65 21.02
CA ILE B 84 -4.24 -2.80 20.90
C ILE B 84 -3.65 -1.39 21.02
N LYS B 85 -2.92 -1.14 22.11
CA LYS B 85 -2.33 0.18 22.37
C LYS B 85 -0.96 0.25 21.70
N ILE B 86 -0.91 0.91 20.55
CA ILE B 86 0.31 0.91 19.74
C ILE B 86 1.42 1.78 20.31
N PHE B 87 1.13 2.79 21.16
CA PHE B 87 2.21 3.54 21.79
C PHE B 87 2.94 2.69 22.82
N GLU B 88 2.28 1.66 23.34
CA GLU B 88 2.77 0.88 24.46
C GLU B 88 3.33 -0.47 24.04
N GLY B 89 3.29 -0.79 22.75
CA GLY B 89 3.92 -2.00 22.27
C GLY B 89 3.07 -3.26 22.32
N ASP B 90 1.74 -3.14 22.44
CA ASP B 90 0.89 -4.32 22.41
C ASP B 90 1.02 -5.06 21.09
N GLN B 91 1.43 -4.37 20.02
CA GLN B 91 1.60 -4.97 18.70
C GLN B 91 2.82 -5.87 18.62
N PHE B 92 3.63 -5.95 19.65
CA PHE B 92 4.81 -6.82 19.64
C PHE B 92 4.68 -8.00 20.60
N THR B 93 3.50 -8.25 21.16
CA THR B 93 3.34 -9.47 21.93
C THR B 93 3.40 -10.66 20.98
N SER B 94 3.79 -11.82 21.53
CA SER B 94 3.83 -13.03 20.71
C SER B 94 2.47 -13.31 20.07
N GLY B 95 1.39 -13.08 20.82
CA GLY B 95 0.08 -13.35 20.29
C GLY B 95 -0.28 -12.44 19.11
N PHE B 96 0.10 -11.17 19.19
CA PHE B 96 -0.21 -10.26 18.08
C PHE B 96 0.67 -10.54 16.88
N VAL B 97 1.97 -10.75 17.10
CA VAL B 97 2.87 -11.04 15.98
C VAL B 97 2.39 -12.29 15.25
N ASP B 98 1.81 -13.24 15.98
N ASP B 98 1.84 -13.26 15.99
CA ASP B 98 1.31 -14.48 15.39
CA ASP B 98 1.34 -14.48 15.34
C ASP B 98 0.17 -14.24 14.40
C ASP B 98 0.26 -14.17 14.32
N ILE B 99 -0.57 -13.14 14.54
CA ILE B 99 -1.63 -12.82 13.58
C ILE B 99 -1.24 -11.71 12.60
N ASN B 100 -0.20 -10.94 12.89
CA ASN B 100 0.34 -9.98 11.93
C ASN B 100 1.84 -9.89 12.13
N PRO B 101 2.61 -10.59 11.28
CA PRO B 101 4.09 -10.52 11.38
C PRO B 101 4.64 -9.11 11.31
N ASN B 102 3.92 -8.19 10.69
CA ASN B 102 4.32 -6.80 10.55
C ASN B 102 4.04 -5.93 11.78
N SER B 103 3.31 -6.46 12.77
CA SER B 103 3.09 -5.73 14.03
C SER B 103 2.40 -4.38 13.82
N LYS B 104 1.34 -4.37 13.01
CA LYS B 104 0.50 -3.19 12.86
C LYS B 104 -0.96 -3.56 12.95
N ILE B 105 -1.77 -2.59 13.40
CA ILE B 105 -3.22 -2.75 13.39
C ILE B 105 -3.80 -2.16 12.11
N PRO B 106 -4.96 -2.65 11.65
CA PRO B 106 -5.72 -3.76 12.22
C PRO B 106 -5.20 -5.12 11.79
N ALA B 107 -5.49 -6.13 12.61
CA ALA B 107 -5.31 -7.52 12.26
C ALA B 107 -6.51 -8.27 12.80
N MET B 108 -6.81 -9.42 12.22
CA MET B 108 -7.96 -10.16 12.69
C MET B 108 -7.77 -11.65 12.51
N VAL B 109 -8.62 -12.40 13.21
CA VAL B 109 -8.72 -13.84 13.07
C VAL B 109 -10.15 -14.13 12.65
N ASP B 110 -10.30 -14.86 11.55
CA ASP B 110 -11.59 -15.34 11.08
C ASP B 110 -11.84 -16.67 11.77
N ARG B 111 -12.75 -16.66 12.74
CA ARG B 111 -13.16 -17.85 13.49
C ARG B 111 -14.56 -18.31 13.06
N SER B 112 -14.94 -18.01 11.83
CA SER B 112 -16.30 -18.37 11.41
C SER B 112 -16.42 -19.81 10.96
N GLY B 113 -15.31 -20.48 10.67
CA GLY B 113 -15.33 -21.84 10.24
C GLY B 113 -14.57 -22.75 11.17
N PRO B 114 -14.38 -24.00 10.75
CA PRO B 114 -13.80 -24.99 11.67
C PRO B 114 -12.34 -24.72 12.01
N GLU B 115 -11.59 -24.09 11.11
CA GLU B 115 -10.18 -23.80 11.35
C GLU B 115 -9.98 -22.29 11.29
N PRO B 116 -9.54 -21.65 12.37
CA PRO B 116 -9.32 -20.20 12.33
C PRO B 116 -8.06 -19.83 11.57
N PHE B 117 -8.07 -18.63 11.01
CA PHE B 117 -6.91 -18.15 10.27
C PHE B 117 -6.83 -16.63 10.35
N ARG B 118 -5.60 -16.13 10.19
CA ARG B 118 -5.33 -14.71 10.29
C ARG B 118 -5.61 -13.98 8.98
N VAL B 119 -5.95 -12.71 9.11
CA VAL B 119 -6.01 -11.76 8.01
C VAL B 119 -5.40 -10.48 8.55
N PHE B 120 -4.35 -9.98 7.89
CA PHE B 120 -3.69 -8.76 8.33
C PHE B 120 -3.57 -7.82 7.14
N GLU B 121 -3.42 -6.52 7.44
CA GLU B 121 -3.52 -5.39 6.51
C GLU B 121 -4.97 -5.00 6.32
N SER B 122 -5.26 -3.70 6.48
CA SER B 122 -6.63 -3.24 6.32
C SER B 122 -7.19 -3.57 4.93
N GLY B 123 -6.38 -3.48 3.88
CA GLY B 123 -6.90 -3.75 2.56
C GLY B 123 -7.30 -5.20 2.40
N ALA B 124 -6.51 -6.11 2.96
CA ALA B 124 -6.83 -7.53 2.91
C ALA B 124 -8.07 -7.85 3.74
N ILE B 125 -8.22 -7.19 4.90
CA ILE B 125 -9.43 -7.36 5.70
C ILE B 125 -10.66 -6.89 4.94
N LEU B 126 -10.58 -5.72 4.32
CA LEU B 126 -11.71 -5.24 3.51
C LEU B 126 -12.04 -6.21 2.38
N MET B 127 -11.03 -6.67 1.66
N MET B 127 -11.02 -6.67 1.66
CA MET B 127 -11.30 -7.60 0.57
CA MET B 127 -11.25 -7.60 0.56
C MET B 127 -11.87 -8.91 1.08
C MET B 127 -11.85 -8.90 1.06
N HIS B 128 -11.29 -9.44 2.14
CA HIS B 128 -11.76 -10.72 2.69
C HIS B 128 -13.25 -10.64 3.05
N LEU B 129 -13.63 -9.56 3.74
CA LEU B 129 -15.01 -9.42 4.16
C LEU B 129 -15.94 -9.14 2.99
N ALA B 130 -15.50 -8.32 2.03
CA ALA B 130 -16.33 -8.02 0.87
C ALA B 130 -16.56 -9.27 0.02
N GLU B 131 -15.54 -10.11 -0.10
CA GLU B 131 -15.67 -11.34 -0.86
C GLU B 131 -16.54 -12.35 -0.12
N LYS B 132 -16.40 -12.42 1.20
CA LYS B 132 -17.18 -13.40 1.96
C LYS B 132 -18.67 -13.13 1.84
N PHE B 133 -19.06 -11.86 1.91
CA PHE B 133 -20.47 -11.49 1.94
C PHE B 133 -21.00 -10.99 0.61
N GLY B 134 -20.15 -10.81 -0.40
CA GLY B 134 -20.58 -10.47 -1.74
C GLY B 134 -21.09 -9.07 -1.90
N VAL B 135 -20.60 -8.13 -1.10
CA VAL B 135 -21.06 -6.75 -1.11
C VAL B 135 -19.86 -5.81 -1.05
N PHE B 136 -20.06 -4.60 -1.55
CA PHE B 136 -19.10 -3.49 -1.50
C PHE B 136 -17.88 -3.73 -2.37
N LEU B 137 -17.95 -4.65 -3.31
CA LEU B 137 -16.87 -5.00 -4.23
C LEU B 137 -17.52 -5.78 -5.36
N PRO B 138 -17.52 -5.27 -6.59
CA PRO B 138 -18.11 -6.06 -7.69
C PRO B 138 -17.45 -7.42 -7.80
N THR B 139 -18.28 -8.45 -7.99
CA THR B 139 -17.76 -9.81 -7.97
C THR B 139 -17.09 -10.19 -9.28
N SER B 140 -17.31 -9.44 -10.35
CA SER B 140 -16.72 -9.70 -11.65
C SER B 140 -16.95 -8.47 -12.51
N GLY B 141 -16.36 -8.49 -13.70
CA GLY B 141 -16.58 -7.44 -14.67
C GLY B 141 -15.60 -6.30 -14.54
N PRO B 142 -15.63 -5.37 -15.50
CA PRO B 142 -14.71 -4.22 -15.44
C PRO B 142 -14.82 -3.42 -14.17
N ALA B 143 -16.01 -3.36 -13.55
CA ALA B 143 -16.19 -2.59 -12.33
C ALA B 143 -15.33 -3.15 -11.19
N ARG B 144 -15.07 -4.46 -11.19
CA ARG B 144 -14.20 -5.02 -10.17
C ARG B 144 -12.80 -4.45 -10.29
N ALA B 145 -12.28 -4.38 -11.53
CA ALA B 145 -10.94 -3.85 -11.75
C ALA B 145 -10.83 -2.39 -11.33
N GLU B 146 -11.87 -1.61 -11.58
CA GLU B 146 -11.86 -0.22 -11.17
C GLU B 146 -11.83 -0.11 -9.65
N CYS B 147 -12.62 -0.93 -8.96
CA CYS B 147 -12.63 -0.91 -7.50
C CYS B 147 -11.26 -1.30 -6.94
N LEU B 148 -10.68 -2.39 -7.44
CA LEU B 148 -9.38 -2.82 -6.95
C LEU B 148 -8.32 -1.77 -7.20
N SER B 149 -8.36 -1.11 -8.37
CA SER B 149 -7.37 -0.08 -8.66
C SER B 149 -7.40 1.01 -7.60
N TRP B 150 -8.60 1.52 -7.26
CA TRP B 150 -8.68 2.57 -6.25
C TRP B 150 -8.33 2.07 -4.86
N LEU B 151 -8.66 0.82 -4.53
CA LEU B 151 -8.33 0.30 -3.20
C LEU B 151 -6.81 0.20 -3.04
N PHE B 152 -6.12 -0.39 -4.03
CA PHE B 152 -4.67 -0.46 -3.96
C PHE B 152 -4.06 0.94 -3.99
N TRP B 153 -4.65 1.86 -4.73
CA TRP B 153 -4.17 3.24 -4.73
C TRP B 153 -4.18 3.81 -3.32
N GLN B 154 -5.28 3.60 -2.59
CA GLN B 154 -5.36 4.10 -1.21
C GLN B 154 -4.25 3.49 -0.36
N VAL B 155 -4.11 2.16 -0.40
CA VAL B 155 -3.15 1.49 0.45
C VAL B 155 -1.73 1.93 0.13
N GLY B 156 -1.43 2.14 -1.16
CA GLY B 156 -0.10 2.55 -1.56
C GLY B 156 0.21 4.00 -1.35
N SER B 157 -0.80 4.84 -1.08
CA SER B 157 -0.57 6.26 -0.95
C SER B 157 -0.70 6.80 0.46
N ALA B 158 -1.46 6.13 1.35
CA ALA B 158 -1.55 6.58 2.73
C ALA B 158 -0.20 6.71 3.41
N PRO B 159 0.82 5.90 3.10
CA PRO B 159 2.11 6.15 3.74
C PRO B 159 2.64 7.55 3.54
N PHE B 160 2.36 8.18 2.41
CA PHE B 160 2.84 9.54 2.18
C PHE B 160 2.08 10.53 3.06
N ILE B 161 0.81 10.25 3.33
CA ILE B 161 -0.04 11.12 4.12
C ILE B 161 0.26 10.98 5.61
N GLY B 162 0.36 9.75 6.10
CA GLY B 162 0.55 9.51 7.52
C GLY B 162 2.00 9.35 7.91
N GLY B 163 2.72 8.46 7.22
CA GLY B 163 4.10 8.21 7.55
C GLY B 163 5.02 9.28 7.06
N GLY B 164 4.55 10.10 6.12
CA GLY B 164 5.28 11.23 5.63
C GLY B 164 4.74 12.52 6.21
N PHE B 165 3.61 13.00 5.71
CA PHE B 165 3.14 14.32 6.15
C PHE B 165 2.84 14.34 7.64
N GLY B 166 2.00 13.43 8.11
CA GLY B 166 1.64 13.45 9.52
C GLY B 166 2.85 13.36 10.41
N HIS B 167 3.80 12.50 10.06
CA HIS B 167 4.97 12.35 10.89
C HIS B 167 5.77 13.65 10.95
N PHE B 168 6.15 14.19 9.79
CA PHE B 168 7.03 15.35 9.79
C PHE B 168 6.32 16.61 10.27
N TYR B 169 5.04 16.75 9.96
CA TYR B 169 4.32 17.96 10.39
C TYR B 169 3.92 17.93 11.86
N ASN B 170 3.64 16.75 12.41
CA ASN B 170 3.01 16.64 13.72
C ASN B 170 3.83 15.91 14.77
N TYR B 171 4.66 14.93 14.41
CA TYR B 171 5.35 14.09 15.39
C TYR B 171 6.85 14.28 15.49
N ALA B 172 7.54 14.55 14.39
CA ALA B 172 9.00 14.60 14.45
C ALA B 172 9.45 15.70 15.40
N PRO B 173 10.54 15.49 16.14
CA PRO B 173 10.93 16.47 17.16
C PRO B 173 11.47 17.77 16.61
N ILE B 174 11.86 17.82 15.34
CA ILE B 174 12.34 19.03 14.69
C ILE B 174 11.50 19.22 13.44
N LYS B 175 11.18 20.46 13.11
CA LYS B 175 10.45 20.78 11.89
C LYS B 175 11.47 20.88 10.76
N ILE B 176 11.33 20.01 9.76
CA ILE B 176 12.29 19.87 8.67
C ILE B 176 11.58 20.35 7.41
N GLU B 177 11.97 21.53 6.93
CA GLU B 177 11.27 22.19 5.82
C GLU B 177 11.17 21.29 4.59
N TYR B 178 12.30 20.70 4.16
CA TYR B 178 12.28 19.90 2.94
C TYR B 178 11.29 18.74 3.05
N ALA B 179 11.26 18.07 4.21
CA ALA B 179 10.39 16.92 4.38
C ALA B 179 8.93 17.32 4.52
N ILE B 180 8.64 18.37 5.29
CA ILE B 180 7.27 18.86 5.37
C ILE B 180 6.78 19.27 3.98
N ASP B 181 7.61 19.99 3.23
CA ASP B 181 7.20 20.40 1.89
C ASP B 181 6.95 19.20 0.99
N ARG B 182 7.85 18.21 1.02
CA ARG B 182 7.70 17.04 0.16
C ARG B 182 6.35 16.37 0.40
N TYR B 183 6.01 16.14 1.67
CA TYR B 183 4.82 15.36 1.97
C TYR B 183 3.55 16.19 2.01
N ALA B 184 3.65 17.49 2.31
CA ALA B 184 2.48 18.36 2.13
C ALA B 184 2.10 18.43 0.66
N MET B 185 3.09 18.57 -0.20
CA MET B 185 2.83 18.61 -1.63
C MET B 185 2.19 17.32 -2.10
N GLU B 186 2.72 16.17 -1.66
CA GLU B 186 2.17 14.89 -2.10
C GLU B 186 0.78 14.65 -1.55
N THR B 187 0.53 15.03 -0.29
CA THR B 187 -0.80 14.87 0.27
C THR B 187 -1.81 15.69 -0.53
N LYS B 188 -1.46 16.94 -0.87
CA LYS B 188 -2.34 17.75 -1.69
C LYS B 188 -2.57 17.13 -3.06
N ARG B 189 -1.52 16.56 -3.66
CA ARG B 189 -1.69 15.91 -4.97
C ARG B 189 -2.69 14.77 -4.87
N LEU B 190 -2.60 13.95 -3.81
CA LEU B 190 -3.52 12.83 -3.63
C LEU B 190 -4.95 13.29 -3.38
N PHE B 191 -5.13 14.35 -2.59
CA PHE B 191 -6.46 14.95 -2.46
C PHE B 191 -6.97 15.44 -3.81
N ASP B 192 -6.09 15.99 -4.64
CA ASP B 192 -6.50 16.48 -5.95
C ASP B 192 -6.88 15.33 -6.89
N VAL B 193 -6.19 14.19 -6.79
CA VAL B 193 -6.60 13.02 -7.55
C VAL B 193 -8.03 12.65 -7.18
N ALA B 194 -8.31 12.54 -5.89
CA ALA B 194 -9.66 12.20 -5.47
C ALA B 194 -10.66 13.27 -5.88
N ASN B 195 -10.29 14.54 -5.70
CA ASN B 195 -11.21 15.64 -6.00
C ASN B 195 -11.59 15.64 -7.46
N ARG B 196 -10.61 15.41 -8.34
CA ARG B 196 -10.88 15.40 -9.78
C ARG B 196 -11.74 14.21 -10.17
N ARG B 197 -11.55 13.06 -9.53
CA ARG B 197 -12.40 11.92 -9.78
C ARG B 197 -13.83 12.19 -9.32
N LEU B 198 -13.97 12.71 -8.09
CA LEU B 198 -15.27 12.94 -7.48
C LEU B 198 -16.01 14.11 -8.13
N ALA B 199 -15.33 14.92 -8.96
CA ALA B 199 -16.01 15.89 -9.79
C ALA B 199 -16.82 15.22 -10.88
N GLU B 200 -16.45 14.01 -11.29
CA GLU B 200 -17.09 13.33 -12.41
C GLU B 200 -17.79 12.04 -12.02
N SER B 201 -17.67 11.60 -10.77
CA SER B 201 -18.22 10.33 -10.32
C SER B 201 -18.70 10.50 -8.89
N ARG B 202 -19.83 9.89 -8.55
CA ARG B 202 -20.35 10.03 -7.20
C ARG B 202 -19.40 9.41 -6.17
N TYR B 203 -18.85 8.25 -6.50
CA TYR B 203 -17.88 7.54 -5.67
C TYR B 203 -16.62 7.26 -6.47
N LEU B 204 -15.59 6.74 -5.81
CA LEU B 204 -14.30 6.63 -6.49
C LEU B 204 -14.32 5.63 -7.61
N ALA B 205 -14.97 4.48 -7.42
CA ALA B 205 -14.88 3.40 -8.40
C ALA B 205 -16.15 3.23 -9.21
N GLY B 206 -17.04 4.22 -9.20
CA GLY B 206 -18.31 4.13 -9.90
C GLY B 206 -19.36 4.95 -9.18
N ASP B 207 -20.62 4.60 -9.43
N ASP B 207 -20.62 4.60 -9.46
CA ASP B 207 -21.74 5.36 -8.91
CA ASP B 207 -21.77 5.32 -8.93
C ASP B 207 -22.25 4.81 -7.56
C ASP B 207 -22.14 4.92 -7.50
N GLU B 208 -21.56 3.82 -6.98
CA GLU B 208 -21.96 3.25 -5.70
C GLU B 208 -20.78 3.17 -4.74
N TYR B 209 -21.09 3.22 -3.46
CA TYR B 209 -20.09 3.11 -2.39
C TYR B 209 -19.51 1.69 -2.37
N THR B 210 -18.19 1.61 -2.34
CA THR B 210 -17.46 0.34 -2.27
C THR B 210 -16.38 0.43 -1.21
N ILE B 211 -15.69 -0.69 -1.02
CA ILE B 211 -14.55 -0.71 -0.10
C ILE B 211 -13.46 0.28 -0.49
N ALA B 212 -13.36 0.66 -1.77
CA ALA B 212 -12.38 1.68 -2.12
C ALA B 212 -12.74 3.02 -1.50
N ASP B 213 -14.02 3.36 -1.46
CA ASP B 213 -14.44 4.59 -0.79
C ASP B 213 -14.19 4.51 0.71
N LEU B 214 -14.56 3.40 1.33
CA LEU B 214 -14.38 3.28 2.77
C LEU B 214 -12.92 3.44 3.15
N ALA B 215 -12.04 2.75 2.43
CA ALA B 215 -10.61 2.84 2.72
C ALA B 215 -10.09 4.26 2.63
N THR B 216 -10.50 5.00 1.60
CA THR B 216 -9.98 6.36 1.41
C THR B 216 -10.65 7.34 2.37
N TYR B 217 -11.93 7.11 2.67
CA TYR B 217 -12.73 8.01 3.49
C TYR B 217 -12.18 8.13 4.91
N THR B 218 -11.71 7.03 5.50
CA THR B 218 -11.26 7.14 6.88
C THR B 218 -10.13 8.17 7.00
N TRP B 219 -9.14 8.06 6.13
CA TRP B 219 -8.04 9.00 6.09
C TRP B 219 -8.50 10.39 5.63
N PHE B 220 -9.17 10.46 4.48
CA PHE B 220 -9.43 11.76 3.89
C PHE B 220 -10.44 12.55 4.72
N GLY B 221 -11.46 11.88 5.22
CA GLY B 221 -12.46 12.57 6.05
C GLY B 221 -11.86 13.09 7.35
N ASN B 222 -11.00 12.28 7.98
CA ASN B 222 -10.41 12.73 9.24
C ASN B 222 -9.54 13.97 9.05
N ILE B 223 -8.78 14.01 7.95
CA ILE B 223 -7.97 15.20 7.67
C ILE B 223 -8.86 16.37 7.27
N TYR B 224 -9.82 16.12 6.38
CA TYR B 224 -10.64 17.19 5.82
C TYR B 224 -11.44 17.89 6.90
N ARG B 225 -12.03 17.13 7.83
CA ARG B 225 -12.93 17.73 8.83
C ARG B 225 -12.17 18.32 10.02
N GLY B 226 -10.85 18.21 10.04
CA GLY B 226 -10.06 18.93 11.03
C GLY B 226 -9.64 18.15 12.24
N GLU B 227 -9.76 16.83 12.26
CA GLU B 227 -9.44 16.06 13.46
C GLU B 227 -8.10 15.36 13.42
N ALA B 228 -7.33 15.48 12.35
CA ALA B 228 -6.05 14.79 12.22
C ALA B 228 -4.91 15.80 12.05
N TYR B 229 -3.83 15.58 12.80
CA TYR B 229 -2.56 16.27 12.59
C TYR B 229 -2.66 17.77 12.85
N GLY B 230 -3.21 18.13 14.01
CA GLY B 230 -3.18 19.52 14.44
C GLY B 230 -3.89 20.44 13.47
N GLU B 231 -3.19 21.45 12.97
CA GLU B 231 -3.75 22.45 12.07
C GLU B 231 -3.62 22.07 10.59
N ALA B 232 -3.50 20.77 10.32
CA ALA B 232 -3.29 20.32 8.95
C ALA B 232 -4.37 20.77 7.98
N ALA B 233 -5.64 20.86 8.40
CA ALA B 233 -6.68 21.21 7.43
C ALA B 233 -6.48 22.62 6.90
N THR B 234 -6.05 23.54 7.75
CA THR B 234 -5.69 24.88 7.29
C THR B 234 -4.40 24.85 6.50
N PHE B 235 -3.38 24.13 7.01
CA PHE B 235 -2.09 24.08 6.34
C PHE B 235 -2.22 23.60 4.90
N LEU B 236 -3.03 22.57 4.69
CA LEU B 236 -3.18 21.93 3.39
C LEU B 236 -4.32 22.51 2.56
N SER B 237 -4.97 23.58 3.02
CA SER B 237 -6.04 24.25 2.27
C SER B 237 -7.15 23.28 1.88
N MET B 238 -7.69 22.56 2.88
CA MET B 238 -8.70 21.53 2.62
C MET B 238 -9.93 22.12 1.95
N HIS B 239 -10.22 23.41 2.15
CA HIS B 239 -11.37 24.02 1.50
C HIS B 239 -11.31 23.92 -0.03
N GLU B 240 -10.11 23.70 -0.61
CA GLU B 240 -9.98 23.59 -2.06
C GLU B 240 -10.66 22.36 -2.63
N TYR B 241 -10.92 21.34 -1.83
CA TYR B 241 -11.35 20.03 -2.34
C TYR B 241 -12.85 19.83 -2.08
N GLU B 242 -13.65 20.58 -2.84
CA GLU B 242 -15.09 20.61 -2.58
C GLU B 242 -15.76 19.28 -2.92
N HIS B 243 -15.24 18.54 -3.91
CA HIS B 243 -15.86 17.26 -4.24
C HIS B 243 -15.50 16.19 -3.23
N VAL B 244 -14.28 16.21 -2.71
CA VAL B 244 -13.96 15.40 -1.54
C VAL B 244 -14.92 15.73 -0.41
N GLY B 245 -15.16 17.02 -0.16
CA GLY B 245 -16.06 17.38 0.92
C GLY B 245 -17.47 16.84 0.73
N ARG B 246 -18.00 16.90 -0.49
CA ARG B 246 -19.31 16.35 -0.78
C ARG B 246 -19.37 14.87 -0.46
N TRP B 247 -18.37 14.13 -0.92
CA TRP B 247 -18.31 12.68 -0.73
C TRP B 247 -18.13 12.32 0.73
N VAL B 248 -17.27 13.04 1.46
CA VAL B 248 -17.16 12.85 2.91
C VAL B 248 -18.52 13.01 3.57
N GLY B 249 -19.25 14.06 3.19
CA GLY B 249 -20.54 14.31 3.80
C GLY B 249 -21.54 13.21 3.55
N GLU B 250 -21.52 12.62 2.36
CA GLU B 250 -22.43 11.52 2.09
C GLU B 250 -22.08 10.28 2.91
N ILE B 251 -20.79 9.96 3.03
CA ILE B 251 -20.40 8.76 3.76
C ILE B 251 -20.58 8.96 5.26
N ASP B 252 -20.40 10.19 5.75
CA ASP B 252 -20.62 10.52 7.16
C ASP B 252 -22.00 10.11 7.67
N ALA B 253 -23.00 10.07 6.78
CA ALA B 253 -24.37 9.81 7.18
C ALA B 253 -24.71 8.33 7.32
N ARG B 254 -23.81 7.44 6.91
CA ARG B 254 -24.11 6.01 6.94
C ARG B 254 -24.07 5.48 8.37
N PRO B 255 -25.09 4.75 8.84
CA PRO B 255 -25.05 4.26 10.23
C PRO B 255 -23.88 3.36 10.53
N GLY B 256 -23.43 2.57 9.55
CA GLY B 256 -22.29 1.72 9.78
C GLY B 256 -21.01 2.51 10.00
N VAL B 257 -20.89 3.64 9.33
CA VAL B 257 -19.77 4.56 9.56
C VAL B 257 -19.89 5.18 10.94
N LEU B 258 -21.08 5.69 11.29
CA LEU B 258 -21.28 6.33 12.58
C LEU B 258 -20.97 5.38 13.73
N ARG B 259 -21.37 4.11 13.62
CA ARG B 259 -21.03 3.16 14.68
C ARG B 259 -19.58 2.74 14.62
N GLY B 260 -19.08 2.38 13.42
CA GLY B 260 -17.74 1.83 13.32
C GLY B 260 -16.67 2.81 13.71
N ARG B 261 -16.91 4.10 13.50
CA ARG B 261 -15.93 5.12 13.90
C ARG B 261 -15.70 5.15 15.40
N LEU B 262 -16.66 4.69 16.20
CA LEU B 262 -16.61 4.81 17.65
C LEU B 262 -15.88 3.64 18.30
N VAL B 263 -15.47 2.64 17.55
CA VAL B 263 -14.93 1.41 18.13
C VAL B 263 -13.43 1.55 18.35
N ASN B 264 -12.98 1.17 19.54
CA ASN B 264 -11.58 1.31 19.95
C ASN B 264 -11.12 2.77 19.91
N SER B 265 -11.99 3.68 20.33
CA SER B 265 -11.76 5.12 20.25
C SER B 265 -11.86 5.75 21.63
N SER B 266 -10.95 6.70 21.93
CA SER B 266 -11.02 7.41 23.20
C SER B 266 -12.25 8.30 23.31
N LYS B 267 -12.93 8.59 22.19
CA LYS B 267 -14.19 9.33 22.21
C LYS B 267 -15.38 8.42 21.96
N GLY B 268 -15.19 7.11 22.07
CA GLY B 268 -16.22 6.12 21.87
C GLY B 268 -16.06 4.95 22.83
N LEU B 269 -16.15 3.74 22.30
CA LEU B 269 -15.98 2.51 23.06
C LEU B 269 -14.52 2.08 23.08
N ALA B 270 -14.01 1.70 24.25
CA ALA B 270 -12.67 1.12 24.29
C ALA B 270 -12.61 -0.18 23.50
N GLU B 271 -13.67 -1.00 23.61
CA GLU B 271 -13.78 -2.28 22.91
C GLU B 271 -15.24 -2.49 22.54
N ARG B 272 -15.48 -3.37 21.57
CA ARG B 272 -16.83 -3.77 21.19
C ARG B 272 -16.94 -5.28 21.33
N HIS B 273 -17.92 -5.74 22.12
CA HIS B 273 -18.15 -7.16 22.30
C HIS B 273 -19.59 -7.55 22.05
N ASP B 274 -20.47 -6.59 21.79
CA ASP B 274 -21.87 -6.88 21.51
C ASP B 274 -22.50 -5.61 20.98
N ALA B 275 -23.58 -5.76 20.21
CA ALA B 275 -24.25 -4.60 19.64
C ALA B 275 -24.80 -3.67 20.71
N SER B 276 -25.17 -4.18 21.88
CA SER B 276 -25.68 -3.33 22.94
C SER B 276 -24.61 -2.45 23.56
N ASP B 277 -23.32 -2.68 23.27
CA ASP B 277 -22.27 -1.90 23.93
C ASP B 277 -22.41 -0.42 23.63
N PHE B 278 -22.98 -0.06 22.48
CA PHE B 278 -23.10 1.34 22.13
C PHE B 278 -24.04 2.10 23.07
N ASP B 279 -24.85 1.41 23.89
N ASP B 279 -24.84 1.40 23.90
CA ASP B 279 -25.74 2.13 24.80
CA ASP B 279 -25.72 2.03 24.88
C ASP B 279 -24.98 2.74 25.98
C ASP B 279 -24.92 2.91 25.84
N ALA B 280 -23.66 2.55 26.07
CA ALA B 280 -22.84 3.23 27.06
C ALA B 280 -22.48 4.65 26.68
N LEU B 281 -22.68 5.03 25.43
CA LEU B 281 -22.33 6.34 24.91
C LEU B 281 -23.52 7.28 24.97
N PRO B 282 -23.30 8.58 24.82
CA PRO B 282 -24.42 9.49 24.59
C PRO B 282 -25.11 9.09 23.30
N PRO B 283 -26.44 9.08 23.26
CA PRO B 283 -27.10 8.59 22.03
C PRO B 283 -26.80 9.42 20.81
N GLU B 284 -26.45 10.69 21.00
CA GLU B 284 -26.13 11.56 19.89
C GLU B 284 -24.87 11.11 19.16
N SER B 285 -23.98 10.37 19.83
CA SER B 285 -22.76 9.89 19.18
C SER B 285 -23.05 8.93 18.04
N LEU B 286 -24.21 8.27 18.03
CA LEU B 286 -24.57 7.36 16.95
C LEU B 286 -25.25 8.08 15.80
N GLN B 287 -25.53 9.37 15.95
CA GLN B 287 -26.34 10.11 15.00
C GLN B 287 -25.57 11.18 14.25
N ALA B 288 -24.36 11.54 14.71
CA ALA B 288 -23.55 12.56 14.06
C ALA B 288 -22.10 12.24 14.33
N ILE B 289 -21.23 12.69 13.43
CA ILE B 289 -19.80 12.46 13.55
C ILE B 289 -19.27 13.09 14.82
N VAL B 290 -18.45 12.34 15.56
CA VAL B 290 -17.74 12.82 16.73
C VAL B 290 -16.27 12.91 16.34
N LYS B 291 -15.67 14.08 16.47
CA LYS B 291 -14.26 14.24 16.16
C LYS B 291 -13.39 13.65 17.25
N GLY B 292 -12.32 12.97 16.84
CA GLY B 292 -11.40 12.39 17.81
C GLY B 292 -10.65 13.46 18.57
N PHE B 293 -10.08 13.02 19.70
CA PHE B 293 -9.25 13.88 20.54
C PHE B 293 -8.07 14.43 19.73
#